data_8PAY
#
_entry.id   8PAY
#
_cell.length_a   109.858
_cell.length_b   66.537
_cell.length_c   80.798
_cell.angle_alpha   90.00
_cell.angle_beta   128.52
_cell.angle_gamma   90.00
#
_symmetry.space_group_name_H-M   'C 1 2 1'
#
loop_
_entity.id
_entity.type
_entity.pdbx_description
1 polymer 'Beta sliding clamp'
2 polymer ACE-GLN-ALC-GLC-LEU-PHE
3 non-polymer GLYCEROL
4 non-polymer 'PENTAETHYLENE GLYCOL'
5 water water
#
loop_
_entity_poly.entity_id
_entity_poly.type
_entity_poly.pdbx_seq_one_letter_code
_entity_poly.pdbx_strand_id
1 'polypeptide(L)'
;PGSHMKFTVEREHLLKPLQQVSGPLGGRPTLPILGNLLLQVADGTLSLTGTDLEMEMVARVALVQPHEPGATTVPARKFF
DICRGLPEGAEIAVQLEGERMLVRSGRSRFSLSTLPAADFPNLDDWQSEVEFTLPQATMKRLIEATQFSMAHQDVRYYLN
GMLFETEGEELRTVATDGHRLAVCSMPIGQSLPSHSVIVPRKGVIELMRMLDGGDNPLRVQIGSNNIRAHVGDFIFTSKL
VDGRFPDYRRVLPKNPDKHLEAGCDLLKQAFARAAILSNEKFRGVRLYVSENQLKITANNPEQEEAEEILDVTYSGAEME
IGFNVSYVLDVLNALKCENVRMMLTDSVSSVQIEDAASQSAAYVVMPMRL
;
A
2 'polypeptide(L)' (ACE)Q(ALC)(LV8)LF H
#
# COMPACT_ATOMS: atom_id res chain seq x y z
N PRO A 1 -24.80 -18.25 17.25
CA PRO A 1 -25.65 -18.89 18.26
C PRO A 1 -25.16 -20.29 18.63
N GLY A 2 -24.41 -20.37 19.72
CA GLY A 2 -23.89 -21.65 20.21
C GLY A 2 -22.89 -21.42 21.33
N SER A 3 -22.99 -22.21 22.39
CA SER A 3 -22.11 -21.97 23.53
C SER A 3 -20.89 -22.88 23.54
N HIS A 4 -20.81 -23.87 22.65
CA HIS A 4 -19.80 -24.93 22.73
C HIS A 4 -19.09 -25.07 21.38
N MET A 5 -18.35 -24.04 20.97
CA MET A 5 -17.75 -23.99 19.64
C MET A 5 -16.76 -25.15 19.47
N LYS A 6 -16.84 -25.81 18.31
CA LYS A 6 -15.95 -26.93 18.05
C LYS A 6 -15.81 -27.07 16.53
N PHE A 7 -14.59 -27.32 16.07
CA PHE A 7 -14.37 -27.59 14.65
C PHE A 7 -13.11 -28.43 14.47
N THR A 8 -13.03 -29.09 13.32
CA THR A 8 -11.85 -29.85 12.94
C THR A 8 -11.53 -29.50 11.50
N VAL A 9 -10.28 -29.12 11.25
CA VAL A 9 -9.90 -28.61 9.94
C VAL A 9 -8.49 -29.09 9.62
N GLU A 10 -8.23 -29.27 8.32
CA GLU A 10 -6.88 -29.53 7.86
C GLU A 10 -5.98 -28.32 8.10
N ARG A 11 -4.77 -28.59 8.58
CA ARG A 11 -3.79 -27.54 8.82
C ARG A 11 -3.62 -26.65 7.61
N GLU A 12 -3.47 -27.24 6.42
CA GLU A 12 -3.18 -26.42 5.26
C GLU A 12 -4.37 -25.56 4.84
N HIS A 13 -5.58 -25.85 5.34
CA HIS A 13 -6.70 -24.93 5.12
C HIS A 13 -6.70 -23.73 6.08
N LEU A 14 -5.94 -23.77 7.16
CA LEU A 14 -5.95 -22.72 8.16
C LEU A 14 -4.80 -21.75 8.01
N LEU A 15 -3.65 -22.20 7.48
CA LEU A 15 -2.41 -21.42 7.63
C LEU A 15 -2.49 -20.10 6.89
N LYS A 16 -2.89 -20.11 5.62
CA LYS A 16 -2.89 -18.83 4.95
C LYS A 16 -3.97 -17.91 5.52
N PRO A 17 -5.20 -18.40 5.81
CA PRO A 17 -6.17 -17.53 6.51
C PRO A 17 -5.63 -16.88 7.79
N LEU A 18 -4.96 -17.66 8.65
CA LEU A 18 -4.44 -17.10 9.91
C LEU A 18 -3.39 -16.02 9.65
N GLN A 19 -2.51 -16.26 8.68
CA GLN A 19 -1.52 -15.25 8.36
C GLN A 19 -2.18 -13.97 7.87
N GLN A 20 -3.16 -14.11 6.97
CA GLN A 20 -3.81 -12.94 6.39
C GLN A 20 -4.52 -12.11 7.46
N VAL A 21 -5.32 -12.74 8.31
CA VAL A 21 -6.14 -11.96 9.23
C VAL A 21 -5.33 -11.36 10.36
N SER A 22 -4.11 -11.85 10.55
CA SER A 22 -3.22 -11.25 11.53
C SER A 22 -2.55 -9.98 11.04
N GLY A 23 -2.69 -9.64 9.75
CA GLY A 23 -2.10 -8.45 9.19
C GLY A 23 -2.26 -7.18 10.01
N PRO A 24 -3.49 -6.85 10.44
CA PRO A 24 -3.68 -5.58 11.19
C PRO A 24 -3.06 -5.55 12.58
N LEU A 25 -2.66 -6.70 13.14
CA LEU A 25 -2.21 -6.78 14.52
C LEU A 25 -0.74 -6.38 14.62
N GLY A 26 -0.29 -6.22 15.87
CA GLY A 26 1.09 -5.83 16.13
C GLY A 26 1.19 -4.46 16.74
N GLY A 27 2.34 -4.15 17.33
CA GLY A 27 2.52 -2.86 17.96
C GLY A 27 1.98 -2.80 19.37
N ARG A 28 1.74 -1.56 19.79
CA ARG A 28 1.49 -1.24 21.19
C ARG A 28 0.22 -1.90 21.69
N PRO A 29 0.28 -2.71 22.75
CA PRO A 29 -0.95 -3.25 23.33
C PRO A 29 -1.82 -2.14 23.89
N THR A 30 -3.10 -2.22 23.60
CA THR A 30 -4.04 -1.26 24.18
C THR A 30 -5.17 -2.05 24.84
N LEU A 31 -6.28 -2.24 24.13
CA LEU A 31 -7.32 -3.16 24.57
C LEU A 31 -6.83 -4.60 24.38
N PRO A 32 -6.82 -5.43 25.44
CA PRO A 32 -6.25 -6.80 25.33
C PRO A 32 -6.73 -7.58 24.11
N ILE A 33 -8.03 -7.55 23.86
CA ILE A 33 -8.58 -8.41 22.83
C ILE A 33 -8.07 -8.08 21.42
N LEU A 34 -7.48 -6.91 21.21
CA LEU A 34 -6.92 -6.59 19.89
C LEU A 34 -5.72 -7.46 19.49
N GLY A 35 -5.08 -8.14 20.43
CA GLY A 35 -4.07 -9.11 20.11
C GLY A 35 -4.60 -10.48 19.76
N ASN A 36 -5.91 -10.64 19.80
CA ASN A 36 -6.58 -11.91 19.56
C ASN A 36 -7.27 -11.90 18.22
N LEU A 37 -7.50 -13.11 17.70
CA LEU A 37 -8.38 -13.29 16.55
C LEU A 37 -9.74 -13.77 17.03
N LEU A 38 -10.78 -13.26 16.37
CA LEU A 38 -12.13 -13.74 16.61
C LEU A 38 -12.37 -14.98 15.72
N LEU A 39 -12.78 -16.08 16.34
CA LEU A 39 -13.18 -17.28 15.64
C LEU A 39 -14.69 -17.44 15.80
N GLN A 40 -15.37 -17.71 14.69
CA GLN A 40 -16.81 -17.94 14.71
C GLN A 40 -17.11 -19.12 13.82
N VAL A 41 -17.86 -20.09 14.35
CA VAL A 41 -18.29 -21.25 13.60
C VAL A 41 -19.80 -21.15 13.43
N ALA A 42 -20.26 -21.31 12.18
CA ALA A 42 -21.68 -21.44 11.92
C ALA A 42 -21.87 -21.97 10.51
N ASP A 43 -22.77 -22.96 10.37
CA ASP A 43 -23.34 -23.37 9.08
C ASP A 43 -22.28 -23.66 8.02
N GLY A 44 -21.34 -24.53 8.36
CA GLY A 44 -20.33 -24.91 7.39
C GLY A 44 -19.18 -23.95 7.21
N THR A 45 -19.09 -22.89 8.03
CA THR A 45 -18.03 -21.89 7.86
C THR A 45 -17.37 -21.53 9.18
N LEU A 46 -16.05 -21.50 9.18
CA LEU A 46 -15.28 -20.86 10.23
C LEU A 46 -14.86 -19.49 9.73
N SER A 47 -15.17 -18.45 10.49
CA SER A 47 -14.69 -17.10 10.18
C SER A 47 -13.61 -16.71 11.17
N LEU A 48 -12.57 -16.07 10.65
CA LEU A 48 -11.46 -15.58 11.46
C LEU A 48 -11.33 -14.10 11.19
N THR A 49 -11.27 -13.29 12.26
CA THR A 49 -11.18 -11.84 12.07
C THR A 49 -10.06 -11.27 12.93
N GLY A 50 -9.28 -10.37 12.33
CA GLY A 50 -8.35 -9.54 13.08
C GLY A 50 -8.66 -8.08 12.83
N THR A 51 -8.40 -7.24 13.84
CA THR A 51 -8.69 -5.81 13.70
C THR A 51 -7.68 -4.98 14.48
N ASP A 52 -7.54 -3.71 14.04
CA ASP A 52 -6.84 -2.71 14.83
C ASP A 52 -7.75 -1.51 15.16
N LEU A 53 -9.07 -1.68 15.04
CA LEU A 53 -10.11 -0.65 15.24
C LEU A 53 -10.29 0.24 14.01
N GLU A 54 -9.24 0.46 13.21
CA GLU A 54 -9.36 1.25 11.99
C GLU A 54 -9.68 0.39 10.78
N MET A 55 -9.18 -0.85 10.76
N MET A 55 -9.31 -0.89 10.83
CA MET A 55 -9.46 -1.79 9.70
CA MET A 55 -9.52 -1.77 9.70
C MET A 55 -9.75 -3.14 10.31
C MET A 55 -9.58 -3.19 10.22
N GLU A 56 -10.26 -4.05 9.46
CA GLU A 56 -10.46 -5.42 9.87
C GLU A 56 -10.26 -6.33 8.65
N MET A 57 -9.75 -7.50 8.94
CA MET A 57 -9.56 -8.53 7.93
C MET A 57 -10.29 -9.78 8.38
N VAL A 58 -11.13 -10.33 7.48
CA VAL A 58 -11.90 -11.53 7.77
C VAL A 58 -11.54 -12.60 6.75
N ALA A 59 -11.37 -13.83 7.22
CA ALA A 59 -11.20 -14.98 6.34
C ALA A 59 -12.31 -15.96 6.62
N ARG A 60 -12.81 -16.58 5.56
CA ARG A 60 -13.79 -17.65 5.68
C ARG A 60 -13.14 -18.99 5.28
N VAL A 61 -13.39 -20.01 6.07
CA VAL A 61 -12.82 -21.33 5.83
C VAL A 61 -13.99 -22.30 5.85
N ALA A 62 -14.18 -23.01 4.74
CA ALA A 62 -15.25 -24.01 4.68
C ALA A 62 -14.95 -25.16 5.65
N LEU A 63 -15.95 -25.55 6.43
CA LEU A 63 -15.82 -26.66 7.37
C LEU A 63 -16.57 -27.87 6.82
N VAL A 64 -15.81 -28.92 6.54
N VAL A 64 -15.85 -28.96 6.55
CA VAL A 64 -16.31 -30.20 6.04
CA VAL A 64 -16.51 -30.16 6.04
C VAL A 64 -16.90 -31.01 7.19
C VAL A 64 -16.90 -31.11 7.17
N GLN A 65 -16.12 -31.15 8.25
CA GLN A 65 -16.31 -32.16 9.28
C GLN A 65 -17.29 -31.65 10.32
N PRO A 66 -17.90 -32.55 11.09
CA PRO A 66 -18.80 -32.13 12.16
C PRO A 66 -18.22 -30.98 12.95
N HIS A 67 -19.07 -29.99 13.19
CA HIS A 67 -18.67 -28.81 13.91
C HIS A 67 -19.85 -28.39 14.75
N GLU A 68 -19.54 -27.60 15.78
CA GLU A 68 -20.62 -27.08 16.57
C GLU A 68 -20.44 -25.57 16.62
N PRO A 69 -21.53 -24.82 16.49
CA PRO A 69 -21.41 -23.36 16.35
C PRO A 69 -20.99 -22.69 17.64
N GLY A 70 -20.40 -21.51 17.48
CA GLY A 70 -20.04 -20.69 18.61
C GLY A 70 -18.92 -19.75 18.23
N ALA A 71 -18.39 -19.05 19.24
CA ALA A 71 -17.39 -18.02 18.97
C ALA A 71 -16.52 -17.82 20.20
N THR A 72 -15.26 -17.47 19.95
CA THR A 72 -14.36 -17.10 21.02
C THR A 72 -13.26 -16.26 20.38
N THR A 73 -12.30 -15.79 21.19
CA THR A 73 -11.14 -15.11 20.66
C THR A 73 -9.91 -15.71 21.34
N VAL A 74 -8.83 -15.79 20.58
CA VAL A 74 -7.61 -16.48 21.00
CA VAL A 74 -7.59 -16.41 21.09
C VAL A 74 -6.40 -15.63 20.60
N PRO A 75 -5.28 -15.72 21.36
CA PRO A 75 -4.07 -14.99 20.95
C PRO A 75 -3.60 -15.35 19.54
N ALA A 76 -3.46 -14.33 18.69
CA ALA A 76 -3.24 -14.58 17.26
C ALA A 76 -1.91 -15.24 17.00
N ARG A 77 -0.82 -14.68 17.53
CA ARG A 77 0.51 -15.18 17.21
C ARG A 77 0.68 -16.61 17.72
N LYS A 78 0.26 -16.87 18.95
CA LYS A 78 0.40 -18.20 19.51
C LYS A 78 -0.38 -19.21 18.70
N PHE A 79 -1.64 -18.88 18.36
CA PHE A 79 -2.45 -19.83 17.60
C PHE A 79 -1.83 -20.11 16.24
N PHE A 80 -1.39 -19.06 15.54
CA PHE A 80 -0.74 -19.27 14.26
C PHE A 80 0.52 -20.13 14.42
N ASP A 81 1.36 -19.81 15.40
CA ASP A 81 2.60 -20.54 15.55
C ASP A 81 2.35 -22.00 15.88
N ILE A 82 1.31 -22.29 16.65
CA ILE A 82 0.98 -23.70 16.94
C ILE A 82 0.59 -24.42 15.65
N CYS A 83 -0.33 -23.83 14.89
CA CYS A 83 -0.74 -24.48 13.65
C CYS A 83 0.41 -24.64 12.68
N ARG A 84 1.23 -23.59 12.52
CA ARG A 84 2.34 -23.67 11.60
C ARG A 84 3.36 -24.73 12.03
N GLY A 85 3.51 -24.93 13.34
CA GLY A 85 4.48 -25.86 13.84
C GLY A 85 4.06 -27.32 13.80
N LEU A 86 2.78 -27.59 13.55
CA LEU A 86 2.34 -28.96 13.40
C LEU A 86 2.81 -29.52 12.06
N PRO A 87 2.85 -30.84 11.90
CA PRO A 87 3.39 -31.43 10.66
C PRO A 87 2.47 -31.20 9.47
N GLU A 88 3.07 -31.25 8.29
CA GLU A 88 2.29 -31.12 7.06
C GLU A 88 1.21 -32.20 7.04
N GLY A 89 0.01 -31.80 6.63
CA GLY A 89 -1.13 -32.71 6.56
C GLY A 89 -1.89 -32.88 7.85
N ALA A 90 -1.44 -32.27 8.95
CA ALA A 90 -2.06 -32.51 10.25
C ALA A 90 -3.52 -32.09 10.22
N GLU A 91 -4.34 -32.85 10.95
CA GLU A 91 -5.71 -32.44 11.20
C GLU A 91 -5.76 -31.74 12.56
N ILE A 92 -6.39 -30.57 12.61
CA ILE A 92 -6.39 -29.72 13.80
C ILE A 92 -7.80 -29.67 14.38
N ALA A 93 -7.98 -30.19 15.60
CA ALA A 93 -9.28 -30.21 16.26
C ALA A 93 -9.27 -29.13 17.32
N VAL A 94 -10.25 -28.22 17.24
CA VAL A 94 -10.31 -27.06 18.11
C VAL A 94 -11.66 -27.07 18.86
N GLN A 95 -11.60 -26.79 20.17
CA GLN A 95 -12.87 -26.68 20.88
C GLN A 95 -12.72 -25.82 22.12
N LEU A 96 -13.76 -25.06 22.38
CA LEU A 96 -13.82 -24.27 23.59
C LEU A 96 -14.12 -25.18 24.78
N GLU A 97 -13.35 -25.01 25.86
CA GLU A 97 -13.56 -25.75 27.09
C GLU A 97 -13.57 -24.73 28.22
N GLY A 98 -14.75 -24.36 28.69
CA GLY A 98 -14.82 -23.30 29.68
C GLY A 98 -14.33 -22.01 29.09
N GLU A 99 -13.29 -21.45 29.70
CA GLU A 99 -12.65 -20.22 29.25
C GLU A 99 -11.34 -20.48 28.50
N ARG A 100 -11.03 -21.73 28.18
CA ARG A 100 -9.83 -22.08 27.43
C ARG A 100 -10.21 -22.58 26.04
N MET A 101 -9.34 -22.37 25.07
CA MET A 101 -9.56 -22.95 23.76
C MET A 101 -8.50 -24.03 23.56
N LEU A 102 -8.96 -25.27 23.34
CA LEU A 102 -8.08 -26.42 23.16
C LEU A 102 -7.80 -26.62 21.67
N VAL A 103 -6.53 -26.91 21.37
CA VAL A 103 -6.07 -27.24 20.03
C VAL A 103 -5.37 -28.58 20.15
N ARG A 104 -5.84 -29.58 19.38
CA ARG A 104 -5.33 -30.94 19.45
C ARG A 104 -5.00 -31.43 18.05
N SER A 105 -3.89 -32.17 17.96
CA SER A 105 -3.53 -32.84 16.73
C SER A 105 -2.53 -33.92 17.11
N GLY A 106 -2.74 -35.16 16.64
CA GLY A 106 -1.83 -36.23 17.08
C GLY A 106 -1.88 -36.38 18.59
N ARG A 107 -0.72 -36.43 19.22
N ARG A 107 -0.70 -36.38 19.22
CA ARG A 107 -0.61 -36.36 20.68
CA ARG A 107 -0.56 -36.37 20.67
C ARG A 107 0.05 -35.05 21.09
C ARG A 107 -0.01 -35.03 21.15
N SER A 108 -0.41 -33.97 20.46
CA SER A 108 -0.05 -32.60 20.81
C SER A 108 -1.33 -31.95 21.31
N ARG A 109 -1.22 -31.24 22.45
CA ARG A 109 -2.38 -30.62 23.09
C ARG A 109 -1.97 -29.23 23.55
N PHE A 110 -2.75 -28.23 23.18
CA PHE A 110 -2.46 -26.86 23.56
C PHE A 110 -3.71 -26.23 24.13
N SER A 111 -3.59 -25.66 25.34
CA SER A 111 -4.70 -24.96 26.00
C SER A 111 -4.37 -23.48 26.01
N LEU A 112 -5.14 -22.70 25.23
CA LEU A 112 -4.93 -21.27 25.09
C LEU A 112 -5.94 -20.46 25.90
N SER A 113 -5.47 -19.32 26.40
CA SER A 113 -6.40 -18.38 27.02
CA SER A 113 -6.40 -18.38 27.02
C SER A 113 -7.33 -17.80 25.96
N THR A 114 -8.46 -17.31 26.42
CA THR A 114 -9.43 -16.68 25.53
C THR A 114 -9.88 -15.35 26.13
N LEU A 115 -10.47 -14.52 25.28
CA LEU A 115 -11.26 -13.38 25.72
C LEU A 115 -12.62 -13.43 25.03
N PRO A 116 -13.67 -12.90 25.65
CA PRO A 116 -15.01 -13.15 25.12
C PRO A 116 -15.22 -12.54 23.74
N ALA A 117 -15.91 -13.31 22.89
CA ALA A 117 -16.24 -12.81 21.57
C ALA A 117 -17.10 -11.57 21.65
N ALA A 118 -17.93 -11.48 22.70
CA ALA A 118 -18.77 -10.29 22.86
C ALA A 118 -17.95 -9.00 22.97
N ASP A 119 -16.68 -9.10 23.40
CA ASP A 119 -15.84 -7.93 23.58
C ASP A 119 -15.09 -7.54 22.31
N PHE A 120 -15.19 -8.34 21.24
CA PHE A 120 -14.40 -8.08 20.06
C PHE A 120 -15.01 -6.91 19.27
N PRO A 121 -14.20 -5.90 18.90
CA PRO A 121 -14.76 -4.69 18.27
C PRO A 121 -15.35 -5.01 16.91
N ASN A 122 -16.31 -4.18 16.51
N ASN A 122 -16.32 -4.19 16.54
CA ASN A 122 -16.92 -4.25 15.20
CA ASN A 122 -16.91 -4.21 15.22
C ASN A 122 -16.91 -2.87 14.57
C ASN A 122 -16.73 -2.83 14.60
N LEU A 123 -16.57 -2.81 13.29
CA LEU A 123 -16.72 -1.56 12.55
C LEU A 123 -18.21 -1.27 12.45
N ASP A 124 -18.58 0.01 12.55
CA ASP A 124 -19.98 0.38 12.50
C ASP A 124 -20.62 -0.08 11.19
N ASP A 125 -21.92 -0.35 11.26
CA ASP A 125 -22.71 -0.69 10.08
C ASP A 125 -22.61 0.46 9.06
N TRP A 126 -22.68 0.10 7.78
CA TRP A 126 -22.57 1.09 6.73
C TRP A 126 -23.13 0.50 5.44
N GLN A 127 -23.39 1.39 4.49
CA GLN A 127 -24.05 1.08 3.23
C GLN A 127 -23.13 1.44 2.08
N SER A 128 -23.05 0.55 1.09
CA SER A 128 -22.17 0.76 -0.05
C SER A 128 -22.85 1.67 -1.08
N GLU A 129 -22.08 2.61 -1.64
CA GLU A 129 -22.56 3.53 -2.67
C GLU A 129 -22.06 3.22 -4.07
N VAL A 130 -20.91 2.56 -4.18
CA VAL A 130 -20.37 2.15 -5.48
C VAL A 130 -19.65 0.83 -5.29
N GLU A 131 -19.72 0.00 -6.32
CA GLU A 131 -19.07 -1.28 -6.28
C GLU A 131 -18.53 -1.57 -7.68
N PHE A 132 -17.37 -2.20 -7.75
CA PHE A 132 -16.81 -2.59 -9.03
C PHE A 132 -15.84 -3.73 -8.79
N THR A 133 -15.55 -4.48 -9.85
CA THR A 133 -14.70 -5.65 -9.76
C THR A 133 -13.61 -5.54 -10.81
N LEU A 134 -12.36 -5.88 -10.45
CA LEU A 134 -11.22 -5.68 -11.35
C LEU A 134 -10.16 -6.76 -11.07
N PRO A 135 -9.23 -7.00 -11.99
CA PRO A 135 -8.14 -7.96 -11.71
C PRO A 135 -7.26 -7.49 -10.54
N GLN A 136 -6.81 -8.44 -9.72
CA GLN A 136 -5.85 -8.12 -8.67
C GLN A 136 -4.63 -7.41 -9.24
N ALA A 137 -4.16 -7.86 -10.42
CA ALA A 137 -2.94 -7.28 -10.97
C ALA A 137 -3.11 -5.78 -11.24
N THR A 138 -4.33 -5.36 -11.61
CA THR A 138 -4.56 -3.94 -11.88
C THR A 138 -4.46 -3.15 -10.59
N MET A 139 -5.11 -3.64 -9.53
CA MET A 139 -5.03 -2.93 -8.26
CA MET A 139 -5.03 -2.95 -8.25
C MET A 139 -3.60 -2.89 -7.75
N LYS A 140 -2.86 -3.99 -7.90
CA LYS A 140 -1.47 -4.01 -7.47
C LYS A 140 -0.63 -2.98 -8.23
N ARG A 141 -0.83 -2.89 -9.55
CA ARG A 141 -0.14 -1.86 -10.34
C ARG A 141 -0.44 -0.47 -9.81
N LEU A 142 -1.73 -0.17 -9.60
CA LEU A 142 -2.12 1.16 -9.14
C LEU A 142 -1.46 1.51 -7.82
N ILE A 143 -1.43 0.57 -6.88
CA ILE A 143 -0.87 0.88 -5.57
C ILE A 143 0.65 0.97 -5.63
N GLU A 144 1.29 -0.01 -6.28
CA GLU A 144 2.74 0.02 -6.33
C GLU A 144 3.26 1.26 -7.05
N ALA A 145 2.50 1.77 -8.01
CA ALA A 145 2.93 2.94 -8.77
C ALA A 145 2.94 4.21 -7.93
N THR A 146 2.25 4.22 -6.79
CA THR A 146 2.04 5.47 -6.08
C THR A 146 2.34 5.40 -4.58
N GLN A 147 2.38 4.22 -3.97
CA GLN A 147 2.31 4.15 -2.52
CA GLN A 147 2.37 4.08 -2.52
C GLN A 147 3.51 4.83 -1.85
N PHE A 148 4.67 4.86 -2.50
CA PHE A 148 5.85 5.45 -1.88
C PHE A 148 5.70 6.95 -1.68
N SER A 149 4.74 7.59 -2.34
CA SER A 149 4.58 9.04 -2.24
C SER A 149 3.59 9.45 -1.13
N MET A 150 3.00 8.52 -0.39
N MET A 150 2.96 8.50 -0.44
CA MET A 150 2.07 8.87 0.67
CA MET A 150 2.09 8.86 0.68
C MET A 150 2.83 9.41 1.88
C MET A 150 2.93 9.54 1.77
N ALA A 151 2.33 10.50 2.46
CA ALA A 151 2.95 10.99 3.67
C ALA A 151 2.86 9.93 4.78
N HIS A 152 3.66 10.13 5.81
CA HIS A 152 3.65 9.22 6.95
C HIS A 152 2.84 9.77 8.11
N GLN A 153 3.23 10.94 8.62
CA GLN A 153 2.62 11.54 9.81
C GLN A 153 2.45 13.03 9.60
N ASP A 154 2.09 13.45 8.40
CA ASP A 154 1.91 14.86 8.15
C ASP A 154 0.76 15.40 8.98
N VAL A 155 0.93 16.64 9.47
CA VAL A 155 -0.16 17.31 10.16
C VAL A 155 -1.34 17.49 9.23
N ARG A 156 -1.10 17.55 7.93
CA ARG A 156 -2.17 17.54 6.92
C ARG A 156 -2.60 16.09 6.77
N TYR A 157 -3.50 15.64 7.68
CA TYR A 157 -3.67 14.21 7.87
C TYR A 157 -4.25 13.51 6.66
N TYR A 158 -4.93 14.26 5.77
CA TYR A 158 -5.46 13.72 4.52
C TYR A 158 -4.35 13.21 3.60
N LEU A 159 -3.07 13.58 3.86
CA LEU A 159 -1.94 13.12 3.08
C LEU A 159 -1.41 11.75 3.52
N ASN A 160 -1.79 11.28 4.71
CA ASN A 160 -1.26 10.04 5.26
C ASN A 160 -2.09 8.85 4.77
N GLY A 161 -2.14 8.72 3.46
CA GLY A 161 -3.06 7.80 2.85
C GLY A 161 -3.00 7.99 1.35
N MET A 162 -3.92 7.33 0.66
CA MET A 162 -3.94 7.28 -0.81
C MET A 162 -5.33 7.60 -1.30
N LEU A 163 -5.43 8.52 -2.25
CA LEU A 163 -6.70 8.78 -2.90
C LEU A 163 -7.01 7.62 -3.85
N PHE A 164 -8.23 7.08 -3.77
CA PHE A 164 -8.77 6.16 -4.77
C PHE A 164 -9.93 6.89 -5.42
N GLU A 165 -9.87 7.00 -6.74
CA GLU A 165 -10.82 7.79 -7.50
CA GLU A 165 -10.85 7.78 -7.48
C GLU A 165 -11.35 7.00 -8.69
N THR A 166 -12.67 6.99 -8.86
CA THR A 166 -13.29 6.41 -10.05
C THR A 166 -13.72 7.57 -10.95
N GLU A 167 -13.43 7.44 -12.25
CA GLU A 167 -13.77 8.47 -13.24
C GLU A 167 -13.92 7.80 -14.59
N GLY A 168 -15.11 7.87 -15.15
CA GLY A 168 -15.39 7.23 -16.43
C GLY A 168 -15.28 5.72 -16.31
N GLU A 169 -14.34 5.12 -17.05
CA GLU A 169 -14.09 3.69 -16.93
C GLU A 169 -12.77 3.41 -16.21
N GLU A 170 -12.20 4.41 -15.54
CA GLU A 170 -10.89 4.27 -14.93
C GLU A 170 -10.97 4.31 -13.39
N LEU A 171 -10.04 3.57 -12.79
CA LEU A 171 -9.71 3.69 -11.38
C LEU A 171 -8.34 4.36 -11.32
N ARG A 172 -8.20 5.36 -10.44
CA ARG A 172 -6.99 6.15 -10.29
C ARG A 172 -6.56 6.12 -8.83
N THR A 173 -5.24 6.07 -8.62
CA THR A 173 -4.70 6.33 -7.29
C THR A 173 -3.83 7.59 -7.35
N VAL A 174 -3.84 8.36 -6.26
CA VAL A 174 -2.99 9.53 -6.11
C VAL A 174 -2.39 9.49 -4.72
N ALA A 175 -1.10 9.77 -4.63
CA ALA A 175 -0.45 9.87 -3.34
C ALA A 175 0.50 11.05 -3.38
N THR A 176 0.51 11.82 -2.29
CA THR A 176 1.42 12.95 -2.19
C THR A 176 1.71 13.26 -0.73
N ASP A 177 2.90 13.81 -0.50
CA ASP A 177 3.32 14.22 0.83
C ASP A 177 3.64 15.71 0.87
N GLY A 178 3.20 16.46 -0.14
CA GLY A 178 3.48 17.87 -0.24
C GLY A 178 4.80 18.18 -0.92
N HIS A 179 5.71 17.21 -1.02
CA HIS A 179 7.00 17.41 -1.63
C HIS A 179 7.14 16.66 -2.93
N ARG A 180 6.38 15.58 -3.09
CA ARG A 180 6.33 14.83 -4.33
C ARG A 180 4.94 14.23 -4.44
N LEU A 181 4.54 13.91 -5.66
CA LEU A 181 3.23 13.35 -5.93
C LEU A 181 3.37 12.24 -6.96
N ALA A 182 2.50 11.24 -6.83
CA ALA A 182 2.42 10.15 -7.80
C ALA A 182 0.95 9.96 -8.17
N VAL A 183 0.66 9.74 -9.46
CA VAL A 183 -0.70 9.45 -9.90
C VAL A 183 -0.65 8.35 -10.94
N CYS A 184 -1.60 7.41 -10.86
CA CYS A 184 -1.69 6.33 -11.82
C CYS A 184 -3.14 6.04 -12.08
N SER A 185 -3.51 5.77 -13.32
CA SER A 185 -4.88 5.39 -13.61
C SER A 185 -4.89 4.22 -14.58
N MET A 186 -5.90 3.36 -14.44
CA MET A 186 -6.02 2.14 -15.26
CA MET A 186 -6.01 2.19 -15.30
C MET A 186 -7.46 1.92 -15.66
N PRO A 187 -7.73 1.49 -16.89
CA PRO A 187 -9.11 1.18 -17.26
C PRO A 187 -9.57 -0.07 -16.57
N ILE A 188 -10.85 -0.10 -16.17
CA ILE A 188 -11.35 -1.32 -15.53
C ILE A 188 -12.59 -1.87 -16.21
N GLY A 189 -12.90 -1.41 -17.41
CA GLY A 189 -13.84 -2.18 -18.19
C GLY A 189 -15.29 -2.08 -17.78
N GLN A 190 -15.68 -0.99 -17.11
CA GLN A 190 -17.06 -0.75 -16.72
C GLN A 190 -17.21 0.74 -16.48
N SER A 191 -18.42 1.27 -16.71
CA SER A 191 -18.70 2.69 -16.51
C SER A 191 -19.00 2.91 -15.03
N LEU A 192 -18.29 3.85 -14.42
CA LEU A 192 -18.29 4.06 -12.98
C LEU A 192 -18.87 5.42 -12.64
N PRO A 193 -19.59 5.53 -11.53
CA PRO A 193 -19.88 6.85 -10.99
C PRO A 193 -18.61 7.50 -10.48
N SER A 194 -18.64 8.82 -10.32
CA SER A 194 -17.49 9.57 -9.88
C SER A 194 -17.41 9.56 -8.35
N HIS A 195 -16.30 9.03 -7.84
N HIS A 195 -16.29 9.07 -7.83
CA HIS A 195 -16.06 8.99 -6.42
CA HIS A 195 -16.12 9.00 -6.38
C HIS A 195 -14.60 9.30 -6.16
C HIS A 195 -14.64 9.06 -6.04
N SER A 196 -14.32 9.73 -4.93
CA SER A 196 -12.96 10.07 -4.51
CA SER A 196 -12.94 9.99 -4.51
C SER A 196 -12.90 9.82 -3.00
N VAL A 197 -12.12 8.85 -2.54
CA VAL A 197 -11.97 8.60 -1.12
C VAL A 197 -10.50 8.42 -0.77
N ILE A 198 -10.16 8.68 0.51
CA ILE A 198 -8.79 8.56 1.00
C ILE A 198 -8.71 7.34 1.88
N VAL A 199 -7.90 6.37 1.47
CA VAL A 199 -7.68 5.17 2.27
C VAL A 199 -6.46 5.43 3.16
N PRO A 200 -6.57 5.16 4.47
CA PRO A 200 -5.42 5.39 5.36
C PRO A 200 -4.21 4.58 4.90
N ARG A 201 -3.01 5.12 5.17
CA ARG A 201 -1.79 4.46 4.68
C ARG A 201 -1.69 3.00 5.15
N LYS A 202 -2.02 2.72 6.42
CA LYS A 202 -1.91 1.34 6.86
C LYS A 202 -2.92 0.44 6.15
N GLY A 203 -4.08 0.99 5.77
CA GLY A 203 -5.03 0.19 5.02
C GLY A 203 -4.56 -0.08 3.60
N VAL A 204 -3.89 0.90 2.99
CA VAL A 204 -3.29 0.67 1.67
C VAL A 204 -2.33 -0.51 1.74
N ILE A 205 -1.46 -0.50 2.75
CA ILE A 205 -0.45 -1.54 2.90
C ILE A 205 -1.13 -2.89 3.10
N GLU A 206 -2.19 -2.93 3.93
CA GLU A 206 -2.91 -4.19 4.16
C GLU A 206 -3.63 -4.68 2.90
N LEU A 207 -4.26 -3.77 2.14
CA LEU A 207 -4.90 -4.17 0.90
C LEU A 207 -3.88 -4.78 -0.06
N MET A 208 -2.71 -4.13 -0.17
CA MET A 208 -1.65 -4.70 -1.00
CA MET A 208 -1.61 -4.68 -0.96
C MET A 208 -1.28 -6.11 -0.55
N ARG A 209 -1.19 -6.33 0.78
CA ARG A 209 -0.79 -7.62 1.32
C ARG A 209 -1.75 -8.72 0.92
N MET A 210 -3.03 -8.37 0.73
CA MET A 210 -4.06 -9.36 0.46
CA MET A 210 -4.01 -9.40 0.46
C MET A 210 -4.04 -9.82 -1.00
N LEU A 211 -3.34 -9.11 -1.88
CA LEU A 211 -3.33 -9.39 -3.31
C LEU A 211 -2.18 -10.33 -3.57
N ASP A 212 -2.51 -11.57 -3.84
CA ASP A 212 -1.52 -12.55 -4.26
C ASP A 212 -1.25 -12.48 -5.75
N GLY A 213 -1.91 -11.57 -6.47
CA GLY A 213 -1.73 -11.45 -7.90
C GLY A 213 -2.41 -12.51 -8.74
N GLY A 214 -2.89 -13.60 -8.13
CA GLY A 214 -3.58 -14.66 -8.84
C GLY A 214 -4.86 -14.15 -9.46
N ASP A 215 -5.65 -15.10 -9.96
CA ASP A 215 -6.78 -14.74 -10.80
C ASP A 215 -8.13 -14.61 -10.08
N ASN A 216 -8.17 -14.80 -8.76
CA ASN A 216 -9.37 -14.41 -8.02
C ASN A 216 -9.54 -12.90 -8.13
N PRO A 217 -10.66 -12.41 -8.64
CA PRO A 217 -10.78 -10.97 -8.85
C PRO A 217 -11.04 -10.23 -7.55
N LEU A 218 -10.76 -8.94 -7.61
CA LEU A 218 -10.94 -8.06 -6.48
C LEU A 218 -12.28 -7.34 -6.66
N ARG A 219 -13.18 -7.49 -5.68
CA ARG A 219 -14.42 -6.73 -5.67
C ARG A 219 -14.31 -5.64 -4.61
N VAL A 220 -14.56 -4.38 -5.03
CA VAL A 220 -14.43 -3.21 -4.16
C VAL A 220 -15.79 -2.60 -3.95
N GLN A 221 -16.14 -2.33 -2.68
CA GLN A 221 -17.31 -1.55 -2.32
C GLN A 221 -16.85 -0.30 -1.57
N ILE A 222 -17.38 0.85 -1.96
CA ILE A 222 -17.03 2.11 -1.32
C ILE A 222 -18.30 2.73 -0.77
N GLY A 223 -18.25 3.08 0.52
CA GLY A 223 -19.28 3.85 1.17
C GLY A 223 -18.82 5.27 1.41
N SER A 224 -19.62 6.01 2.18
CA SER A 224 -19.23 7.38 2.48
C SER A 224 -18.02 7.44 3.43
N ASN A 225 -17.85 6.44 4.31
CA ASN A 225 -16.83 6.47 5.34
C ASN A 225 -16.03 5.18 5.44
N ASN A 226 -16.24 4.24 4.52
CA ASN A 226 -15.55 2.96 4.60
C ASN A 226 -15.27 2.46 3.19
N ILE A 227 -14.29 1.57 3.09
CA ILE A 227 -14.01 0.84 1.86
C ILE A 227 -13.91 -0.63 2.25
N ARG A 228 -14.35 -1.51 1.35
CA ARG A 228 -14.26 -2.94 1.55
C ARG A 228 -13.75 -3.60 0.28
N ALA A 229 -12.86 -4.59 0.45
CA ALA A 229 -12.29 -5.31 -0.67
C ALA A 229 -12.47 -6.81 -0.42
N HIS A 230 -13.00 -7.52 -1.42
CA HIS A 230 -13.20 -8.96 -1.33
C HIS A 230 -12.28 -9.63 -2.33
N VAL A 231 -11.47 -10.57 -1.84
CA VAL A 231 -10.61 -11.35 -2.72
C VAL A 231 -10.65 -12.79 -2.23
N GLY A 232 -11.11 -13.70 -3.08
CA GLY A 232 -11.15 -15.10 -2.66
C GLY A 232 -12.02 -15.24 -1.43
N ASP A 233 -11.48 -15.90 -0.40
CA ASP A 233 -12.19 -16.08 0.86
C ASP A 233 -11.89 -15.00 1.90
N PHE A 234 -11.35 -13.85 1.48
CA PHE A 234 -11.01 -12.78 2.41
C PHE A 234 -11.83 -11.52 2.14
N ILE A 235 -12.11 -10.78 3.22
CA ILE A 235 -12.83 -9.50 3.17
C ILE A 235 -12.10 -8.50 4.05
N PHE A 236 -11.62 -7.43 3.44
CA PHE A 236 -10.90 -6.37 4.14
C PHE A 236 -11.80 -5.16 4.19
N THR A 237 -11.90 -4.54 5.37
CA THR A 237 -12.69 -3.31 5.51
C THR A 237 -11.83 -2.28 6.23
N SER A 238 -11.86 -1.05 5.75
CA SER A 238 -11.16 0.06 6.42
C SER A 238 -12.04 1.29 6.52
N LYS A 239 -11.84 2.05 7.60
CA LYS A 239 -12.32 3.42 7.63
C LYS A 239 -11.59 4.24 6.58
N LEU A 240 -12.21 5.34 6.16
CA LEU A 240 -11.63 6.32 5.27
C LEU A 240 -11.12 7.51 6.07
N VAL A 241 -10.24 8.29 5.45
CA VAL A 241 -9.70 9.52 6.07
C VAL A 241 -10.51 10.75 5.63
N ASP A 242 -10.79 11.66 6.57
CA ASP A 242 -11.51 12.90 6.26
C ASP A 242 -10.57 13.92 5.63
N GLY A 243 -11.14 14.89 4.93
CA GLY A 243 -10.34 15.98 4.41
C GLY A 243 -10.44 16.11 2.91
N ARG A 244 -10.03 17.25 2.37
CA ARG A 244 -10.04 17.48 0.93
C ARG A 244 -8.66 17.12 0.37
N PHE A 245 -8.58 16.02 -0.34
CA PHE A 245 -7.29 15.67 -0.91
C PHE A 245 -6.93 16.65 -2.04
N PRO A 246 -5.64 16.93 -2.24
CA PRO A 246 -5.24 17.80 -3.36
C PRO A 246 -5.69 17.26 -4.71
N ASP A 247 -5.92 18.18 -5.65
CA ASP A 247 -6.30 17.83 -7.02
C ASP A 247 -5.05 17.69 -7.87
N TYR A 248 -4.71 16.45 -8.24
CA TYR A 248 -3.48 16.24 -9.02
C TYR A 248 -3.48 17.05 -10.31
N ARG A 249 -4.66 17.32 -10.89
CA ARG A 249 -4.72 18.05 -12.16
C ARG A 249 -4.13 19.44 -12.02
N ARG A 250 -4.20 20.01 -10.82
CA ARG A 250 -3.67 21.34 -10.55
C ARG A 250 -2.23 21.30 -10.06
N VAL A 251 -1.73 20.11 -9.72
CA VAL A 251 -0.34 19.92 -9.29
C VAL A 251 0.59 19.60 -10.45
N LEU A 252 0.10 18.93 -11.50
CA LEU A 252 0.95 18.69 -12.67
C LEU A 252 1.50 20.04 -13.16
N PRO A 253 2.80 20.13 -13.45
CA PRO A 253 3.35 21.39 -13.97
C PRO A 253 2.61 21.87 -15.21
N LYS A 254 2.35 23.17 -15.23
CA LYS A 254 1.71 23.78 -16.39
C LYS A 254 2.76 24.12 -17.46
N ASN A 255 2.57 23.57 -18.64
CA ASN A 255 3.37 23.89 -19.82
C ASN A 255 4.88 23.89 -19.58
N PRO A 256 5.41 22.83 -19.01
CA PRO A 256 6.88 22.80 -18.86
C PRO A 256 7.53 22.88 -20.24
N ASP A 257 8.55 23.73 -20.36
CA ASP A 257 9.12 24.04 -21.66
C ASP A 257 10.42 23.31 -21.95
N LYS A 258 10.96 22.56 -20.99
CA LYS A 258 12.25 21.89 -21.15
C LYS A 258 12.01 20.39 -21.01
N HIS A 259 12.32 19.66 -22.06
CA HIS A 259 12.02 18.23 -22.12
C HIS A 259 13.30 17.45 -22.29
N LEU A 260 13.64 16.67 -21.27
CA LEU A 260 14.82 15.83 -21.27
C LEU A 260 14.39 14.39 -21.32
N GLU A 261 15.14 13.58 -22.06
N GLU A 261 15.05 13.58 -22.16
CA GLU A 261 14.87 12.15 -22.08
CA GLU A 261 14.86 12.13 -22.17
C GLU A 261 16.17 11.39 -21.93
C GLU A 261 16.19 11.49 -21.81
N ALA A 262 16.14 10.37 -21.07
CA ALA A 262 17.35 9.67 -20.70
C ALA A 262 16.98 8.21 -20.47
N GLY A 263 18.00 7.36 -20.48
CA GLY A 263 17.78 5.96 -20.12
C GLY A 263 17.45 5.84 -18.64
N CYS A 264 16.42 5.05 -18.31
CA CYS A 264 15.97 4.95 -16.91
C CYS A 264 17.06 4.35 -16.02
N ASP A 265 17.66 3.25 -16.47
CA ASP A 265 18.64 2.58 -15.61
C ASP A 265 19.89 3.41 -15.46
N LEU A 266 20.37 4.02 -16.56
CA LEU A 266 21.54 4.87 -16.44
C LEU A 266 21.28 6.03 -15.51
N LEU A 267 20.10 6.63 -15.61
CA LEU A 267 19.79 7.75 -14.73
C LEU A 267 19.74 7.30 -13.29
N LYS A 268 19.06 6.17 -13.03
CA LYS A 268 18.91 5.66 -11.67
C LYS A 268 20.26 5.34 -11.05
N GLN A 269 21.15 4.68 -11.81
CA GLN A 269 22.44 4.31 -11.23
C GLN A 269 23.30 5.54 -10.96
N ALA A 270 23.18 6.57 -11.82
CA ALA A 270 23.94 7.79 -11.60
C ALA A 270 23.44 8.51 -10.36
N PHE A 271 22.12 8.62 -10.21
CA PHE A 271 21.60 9.22 -8.98
C PHE A 271 21.96 8.40 -7.75
N ALA A 272 21.93 7.06 -7.87
CA ALA A 272 22.24 6.22 -6.72
C ALA A 272 23.69 6.40 -6.27
N ARG A 273 24.62 6.49 -7.21
CA ARG A 273 26.01 6.73 -6.83
C ARG A 273 26.17 8.13 -6.24
N ALA A 274 25.58 9.14 -6.89
CA ALA A 274 25.72 10.50 -6.38
C ALA A 274 25.16 10.62 -4.97
N ALA A 275 24.08 9.91 -4.68
CA ALA A 275 23.44 9.97 -3.38
C ALA A 275 24.40 9.63 -2.26
N ILE A 276 25.39 8.78 -2.53
CA ILE A 276 26.30 8.32 -1.50
C ILE A 276 26.97 9.51 -0.80
N LEU A 277 27.26 10.57 -1.57
CA LEU A 277 27.97 11.74 -1.07
C LEU A 277 27.04 12.94 -0.87
N SER A 278 25.74 12.70 -0.81
CA SER A 278 24.79 13.75 -0.43
C SER A 278 24.63 13.81 1.08
N ASN A 279 24.11 14.93 1.55
CA ASN A 279 23.85 15.11 2.98
C ASN A 279 22.92 13.99 3.46
N GLU A 280 23.30 13.32 4.55
CA GLU A 280 22.55 12.13 5.00
C GLU A 280 21.12 12.47 5.41
N LYS A 281 20.91 13.69 5.87
CA LYS A 281 19.58 14.10 6.29
C LYS A 281 18.80 14.77 5.17
N PHE A 282 19.43 15.71 4.46
CA PHE A 282 18.70 16.55 3.50
C PHE A 282 18.77 16.06 2.06
N ARG A 283 19.77 15.24 1.72
CA ARG A 283 19.77 14.43 0.52
C ARG A 283 19.82 15.26 -0.77
N GLY A 284 20.29 16.50 -0.72
CA GLY A 284 20.19 17.34 -1.90
C GLY A 284 21.25 17.01 -2.94
N VAL A 285 20.82 16.97 -4.21
CA VAL A 285 21.70 16.85 -5.35
C VAL A 285 21.34 17.94 -6.36
N ARG A 286 22.34 18.37 -7.12
CA ARG A 286 22.17 19.41 -8.10
CA ARG A 286 22.20 19.43 -8.11
C ARG A 286 22.19 18.80 -9.49
N LEU A 287 21.23 19.18 -10.31
CA LEU A 287 21.17 18.76 -11.70
C LEU A 287 21.49 19.96 -12.57
N TYR A 288 22.41 19.82 -13.50
CA TYR A 288 22.69 20.85 -14.49
CA TYR A 288 22.73 20.84 -14.49
C TYR A 288 22.35 20.30 -15.85
N VAL A 289 21.40 20.92 -16.53
CA VAL A 289 21.01 20.46 -17.84
CA VAL A 289 20.94 20.49 -17.83
C VAL A 289 21.54 21.40 -18.90
N SER A 290 22.13 20.81 -19.92
CA SER A 290 22.69 21.57 -21.02
C SER A 290 22.49 20.72 -22.27
N GLU A 291 22.90 21.24 -23.43
CA GLU A 291 22.64 20.53 -24.68
C GLU A 291 23.08 19.08 -24.61
N ASN A 292 22.10 18.19 -24.70
CA ASN A 292 22.28 16.74 -24.68
C ASN A 292 23.13 16.25 -23.51
N GLN A 293 23.05 16.90 -22.36
CA GLN A 293 23.87 16.43 -21.24
C GLN A 293 23.19 16.71 -19.92
N LEU A 294 23.33 15.79 -18.96
CA LEU A 294 22.92 16.01 -17.59
C LEU A 294 24.14 15.82 -16.71
N LYS A 295 24.41 16.78 -15.82
CA LYS A 295 25.44 16.62 -14.82
C LYS A 295 24.74 16.59 -13.46
N ILE A 296 25.07 15.61 -12.62
CA ILE A 296 24.51 15.49 -11.29
C ILE A 296 25.67 15.66 -10.31
N THR A 297 25.51 16.54 -9.33
CA THR A 297 26.52 16.70 -8.31
CA THR A 297 26.53 16.75 -8.32
C THR A 297 25.92 16.59 -6.92
N ALA A 298 26.68 16.01 -6.02
CA ALA A 298 26.28 15.91 -4.62
C ALA A 298 27.46 16.29 -3.74
N ASN A 299 27.15 17.00 -2.64
N ASN A 299 27.20 17.03 -2.68
CA ASN A 299 28.14 17.46 -1.66
CA ASN A 299 28.22 17.16 -1.65
C ASN A 299 27.58 17.31 -0.25
C ASN A 299 27.59 17.00 -0.27
N ASN A 300 28.46 16.95 0.71
CA ASN A 300 28.02 16.73 2.08
C ASN A 300 28.77 17.65 3.04
N PRO A 301 28.45 17.63 4.33
CA PRO A 301 29.15 18.54 5.26
C PRO A 301 30.63 18.29 5.37
N GLU A 302 31.10 17.07 5.07
CA GLU A 302 32.52 16.78 5.05
C GLU A 302 33.20 17.28 3.79
N GLN A 303 32.46 17.93 2.87
CA GLN A 303 33.01 18.50 1.64
C GLN A 303 33.44 17.43 0.66
N GLU A 304 32.94 16.22 0.85
CA GLU A 304 33.10 15.22 -0.19
C GLU A 304 32.18 15.59 -1.36
N GLU A 305 32.51 15.06 -2.55
CA GLU A 305 31.73 15.43 -3.73
C GLU A 305 31.63 14.26 -4.69
N ALA A 306 30.42 14.02 -5.17
CA ALA A 306 30.20 13.13 -6.29
C ALA A 306 29.78 13.94 -7.51
N GLU A 307 30.24 13.52 -8.67
CA GLU A 307 29.81 14.11 -9.92
C GLU A 307 29.58 13.01 -10.95
N GLU A 308 28.43 13.07 -11.61
CA GLU A 308 28.10 12.14 -12.69
C GLU A 308 27.71 12.95 -13.91
N ILE A 309 28.27 12.59 -15.07
CA ILE A 309 27.88 13.20 -16.33
C ILE A 309 27.25 12.11 -17.19
N LEU A 310 26.11 12.42 -17.79
CA LEU A 310 25.37 11.51 -18.65
C LEU A 310 25.04 12.18 -19.96
N ASP A 311 25.14 11.42 -21.03
CA ASP A 311 24.56 11.84 -22.30
C ASP A 311 23.07 11.62 -22.22
N VAL A 312 22.32 12.64 -22.63
CA VAL A 312 20.86 12.63 -22.62
C VAL A 312 20.36 13.32 -23.88
N THR A 313 19.06 13.27 -24.09
CA THR A 313 18.43 14.04 -25.16
C THR A 313 17.85 15.31 -24.56
N TYR A 314 18.41 16.45 -24.91
CA TYR A 314 17.90 17.71 -24.41
C TYR A 314 18.38 18.81 -25.34
N SER A 315 17.44 19.58 -25.86
CA SER A 315 17.69 20.83 -26.56
C SER A 315 16.84 21.89 -25.91
N GLY A 316 17.47 22.98 -25.52
CA GLY A 316 16.78 23.99 -24.76
C GLY A 316 17.76 24.71 -23.89
N ALA A 317 17.25 25.70 -23.16
CA ALA A 317 18.11 26.56 -22.37
C ALA A 317 18.78 25.75 -21.26
N GLU A 318 19.97 26.16 -20.90
CA GLU A 318 20.61 25.53 -19.77
C GLU A 318 19.92 25.96 -18.48
N MET A 319 19.89 25.06 -17.50
CA MET A 319 19.38 25.44 -16.19
C MET A 319 19.95 24.47 -15.15
N GLU A 320 19.82 24.87 -13.89
CA GLU A 320 20.24 24.08 -12.76
C GLU A 320 19.08 23.97 -11.77
N ILE A 321 18.97 22.83 -11.13
CA ILE A 321 17.85 22.63 -10.23
C ILE A 321 18.28 21.60 -9.19
N GLY A 322 17.82 21.80 -7.96
CA GLY A 322 18.14 20.89 -6.87
C GLY A 322 16.99 19.98 -6.47
N PHE A 323 17.31 18.73 -6.10
CA PHE A 323 16.29 17.79 -5.66
C PHE A 323 16.80 16.93 -4.51
N ASN A 324 15.85 16.46 -3.71
CA ASN A 324 16.11 15.36 -2.78
C ASN A 324 16.27 14.10 -3.60
N VAL A 325 17.47 13.50 -3.52
CA VAL A 325 17.77 12.40 -4.42
C VAL A 325 16.94 11.19 -4.11
N SER A 326 16.53 11.01 -2.85
CA SER A 326 15.64 9.89 -2.52
C SER A 326 14.33 9.99 -3.29
N TYR A 327 13.77 11.19 -3.41
CA TYR A 327 12.51 11.34 -4.13
C TYR A 327 12.67 10.97 -5.60
N VAL A 328 13.81 11.34 -6.19
CA VAL A 328 14.05 11.02 -7.58
C VAL A 328 14.23 9.51 -7.75
N LEU A 329 15.05 8.90 -6.88
CA LEU A 329 15.25 7.46 -6.95
C LEU A 329 13.95 6.70 -6.76
N ASP A 330 13.08 7.16 -5.85
CA ASP A 330 11.81 6.48 -5.67
C ASP A 330 11.01 6.44 -6.97
N VAL A 331 10.98 7.55 -7.72
CA VAL A 331 10.26 7.59 -8.98
C VAL A 331 10.90 6.64 -9.98
N LEU A 332 12.21 6.73 -10.13
CA LEU A 332 12.86 5.89 -11.12
C LEU A 332 12.69 4.42 -10.81
N ASN A 333 12.73 4.06 -9.53
CA ASN A 333 12.50 2.69 -9.15
C ASN A 333 11.08 2.23 -9.49
N ALA A 334 10.11 3.16 -9.44
CA ALA A 334 8.73 2.80 -9.75
C ALA A 334 8.43 2.73 -11.23
N LEU A 335 9.25 3.36 -12.06
CA LEU A 335 8.95 3.42 -13.49
C LEU A 335 9.34 2.15 -14.23
N LYS A 336 10.49 1.57 -13.89
CA LYS A 336 10.94 0.31 -14.47
C LYS A 336 10.74 0.28 -15.99
N CYS A 337 11.30 1.25 -16.69
CA CYS A 337 11.06 1.30 -18.13
C CYS A 337 12.38 1.59 -18.83
N GLU A 338 12.35 1.74 -20.16
CA GLU A 338 13.61 1.93 -20.88
C GLU A 338 14.09 3.38 -20.82
N ASN A 339 13.21 4.34 -21.18
CA ASN A 339 13.54 5.73 -21.28
C ASN A 339 12.56 6.51 -20.42
N VAL A 340 13.08 7.56 -19.78
N VAL A 340 13.09 7.54 -19.79
CA VAL A 340 12.28 8.38 -18.88
CA VAL A 340 12.33 8.42 -18.94
C VAL A 340 12.36 9.82 -19.37
C VAL A 340 12.29 9.78 -19.61
N ARG A 341 11.21 10.51 -19.33
CA ARG A 341 11.10 11.90 -19.69
C ARG A 341 10.99 12.73 -18.43
N MET A 342 11.76 13.81 -18.37
N MET A 342 11.83 13.75 -18.35
CA MET A 342 11.64 14.78 -17.29
CA MET A 342 11.69 14.81 -17.35
C MET A 342 11.34 16.14 -17.88
C MET A 342 11.23 16.08 -18.04
N MET A 343 10.23 16.73 -17.46
CA MET A 343 9.73 17.98 -18.02
CA MET A 343 9.69 17.97 -18.01
C MET A 343 9.89 19.08 -16.98
N LEU A 344 10.72 20.07 -17.33
CA LEU A 344 11.17 21.09 -16.41
C LEU A 344 10.69 22.46 -16.88
N THR A 345 10.75 23.39 -15.93
CA THR A 345 10.44 24.78 -16.20
C THR A 345 11.58 25.69 -15.75
N ASP A 346 11.83 25.71 -14.45
CA ASP A 346 12.90 26.54 -13.90
C ASP A 346 13.31 25.99 -12.54
N SER A 347 14.27 26.68 -11.93
N SER A 347 14.30 26.67 -11.94
CA SER A 347 14.93 26.11 -10.76
CA SER A 347 14.96 26.17 -10.75
C SER A 347 14.04 26.11 -9.54
C SER A 347 14.06 26.14 -9.52
N VAL A 348 12.91 26.81 -9.56
CA VAL A 348 12.06 26.91 -8.39
C VAL A 348 10.72 26.22 -8.59
N SER A 349 10.54 25.51 -9.71
CA SER A 349 9.27 24.91 -10.07
C SER A 349 9.39 23.39 -10.09
N SER A 350 8.24 22.74 -9.90
CA SER A 350 8.26 21.29 -9.92
C SER A 350 8.64 20.74 -11.29
N VAL A 351 9.02 19.47 -11.29
N VAL A 351 9.04 19.47 -11.27
CA VAL A 351 9.29 18.75 -12.54
CA VAL A 351 9.34 18.68 -12.45
C VAL A 351 8.41 17.52 -12.59
C VAL A 351 8.21 17.65 -12.57
N GLN A 352 7.97 17.19 -13.80
CA GLN A 352 7.16 16.02 -14.04
C GLN A 352 8.07 14.95 -14.64
N ILE A 353 7.94 13.73 -14.15
CA ILE A 353 8.74 12.60 -14.60
C ILE A 353 7.78 11.49 -15.00
N GLU A 354 8.03 10.88 -16.16
CA GLU A 354 7.18 9.80 -16.61
C GLU A 354 7.99 8.87 -17.50
N ASP A 355 7.44 7.68 -17.72
CA ASP A 355 7.96 6.80 -18.75
C ASP A 355 7.79 7.47 -20.10
N ALA A 356 8.85 7.46 -20.92
CA ALA A 356 8.76 8.11 -22.22
C ALA A 356 7.75 7.45 -23.13
N ALA A 357 7.38 6.22 -22.81
CA ALA A 357 6.52 5.40 -23.65
C ALA A 357 5.15 5.14 -23.05
N SER A 358 4.86 5.65 -21.86
CA SER A 358 3.54 5.43 -21.29
C SER A 358 3.09 6.63 -20.50
N GLN A 359 1.81 6.97 -20.62
CA GLN A 359 1.22 8.03 -19.82
C GLN A 359 0.31 7.53 -18.70
N SER A 360 0.30 6.23 -18.39
CA SER A 360 -0.63 5.78 -17.34
C SER A 360 -0.28 6.32 -15.94
N ALA A 361 0.99 6.59 -15.69
CA ALA A 361 1.45 7.12 -14.43
C ALA A 361 2.23 8.41 -14.67
N ALA A 362 2.16 9.33 -13.70
CA ALA A 362 2.94 10.54 -13.76
C ALA A 362 3.41 10.88 -12.34
N TYR A 363 4.58 11.51 -12.29
CA TYR A 363 5.22 11.83 -11.02
C TYR A 363 5.62 13.31 -11.05
N VAL A 364 5.42 13.99 -9.91
CA VAL A 364 5.79 15.38 -9.76
C VAL A 364 6.70 15.50 -8.54
N VAL A 365 7.84 16.15 -8.71
CA VAL A 365 8.75 16.36 -7.60
C VAL A 365 9.04 17.84 -7.49
N MET A 366 8.85 18.39 -6.28
CA MET A 366 9.14 19.78 -6.02
C MET A 366 10.63 19.92 -5.68
N PRO A 367 11.34 20.92 -6.21
CA PRO A 367 12.79 21.04 -5.98
C PRO A 367 13.12 21.57 -4.59
N MET A 368 14.42 21.60 -4.33
CA MET A 368 15.06 22.19 -3.17
C MET A 368 15.89 23.38 -3.61
N ARG A 369 15.92 24.41 -2.77
CA ARG A 369 16.81 25.55 -2.95
C ARG A 369 18.15 25.17 -2.33
N LEU A 370 19.13 24.84 -3.15
CA LEU A 370 20.44 24.43 -2.62
C LEU A 370 21.41 25.57 -2.48
N GLN B 2 13.94 22.36 0.93
CA GLN B 2 12.83 21.69 0.23
C GLN B 2 11.60 22.57 0.16
N LEU B 5 4.61 21.60 -2.84
CA LEU B 5 3.70 21.67 -3.99
C LEU B 5 2.43 22.46 -3.70
N PHE B 6 2.06 22.58 -2.42
CA PHE B 6 0.83 23.22 -2.00
C PHE B 6 0.93 23.36 -0.49
#